data_3ENP
#
_entry.id   3ENP
#
_cell.length_a   93.521
_cell.length_b   93.521
_cell.length_c   87.155
_cell.angle_alpha   90.00
_cell.angle_beta   90.00
_cell.angle_gamma   120.00
#
_symmetry.space_group_name_H-M   'P 62'
#
loop_
_entity.id
_entity.type
_entity.pdbx_description
1 polymer 'TP53RK-binding protein'
2 water water
#
_entity_poly.entity_id   1
_entity_poly.type   'polypeptide(L)'
_entity_poly.pdbx_seq_one_letter_code
;GA(MSE)QLTHQLDLFPECRVTLLLFKDVKNAGDLRRKA(MSE)EGTIDGSLINPTVIVDPFQILVAANKAVHLYKLGK
(MSE)KTRTLSTEIIFNLSPNNNISEALKKFGISANDTSILIVYIEEGEKQINQEYLISQVEGHQVSLKNLPEI(MSE)N
ITEVKKIYKLSSQEESIGTLLDAIICR(MSE)STKDVL
;
_entity_poly.pdbx_strand_id   A,B
#
# COMPACT_ATOMS: atom_id res chain seq x y z
N GLN A 4 19.50 -5.34 19.11
CA GLN A 4 18.10 -5.35 18.64
C GLN A 4 17.59 -3.97 18.23
N LEU A 5 16.64 -3.97 17.30
CA LEU A 5 15.94 -2.78 16.87
C LEU A 5 14.45 -3.02 16.94
N THR A 6 13.73 -2.02 17.40
CA THR A 6 12.29 -2.14 17.63
C THR A 6 11.51 -0.89 17.24
N HIS A 7 10.29 -1.09 16.78
CA HIS A 7 9.51 0.01 16.24
C HIS A 7 8.03 -0.14 16.53
N GLN A 8 7.33 0.99 16.64
CA GLN A 8 5.86 0.99 16.74
C GLN A 8 5.28 0.77 15.37
N LEU A 9 4.14 0.11 15.31
CA LEU A 9 3.43 -0.02 14.05
C LEU A 9 2.68 1.26 13.71
N ASP A 10 2.53 1.51 12.42
CA ASP A 10 2.01 2.77 11.91
C ASP A 10 0.68 3.21 12.56
N LEU A 11 -0.34 2.32 12.50
CA LEU A 11 -1.71 2.59 12.95
C LEU A 11 -2.06 1.84 14.24
N PHE A 12 -1.11 1.08 14.75
CA PHE A 12 -1.28 0.37 16.00
C PHE A 12 -0.05 0.57 16.87
N PRO A 13 0.02 1.74 17.52
CA PRO A 13 1.17 2.10 18.34
C PRO A 13 1.36 1.13 19.53
N GLU A 14 0.31 0.37 19.87
CA GLU A 14 0.39 -0.64 20.91
C GLU A 14 1.03 -1.97 20.41
N CYS A 15 1.45 -1.99 19.15
CA CYS A 15 2.21 -3.12 18.59
C CYS A 15 3.65 -2.75 18.30
N ARG A 16 4.55 -3.71 18.54
CA ARG A 16 5.99 -3.52 18.36
C ARG A 16 6.55 -4.57 17.41
N VAL A 17 7.41 -4.13 16.48
CA VAL A 17 8.20 -5.03 15.66
C VAL A 17 9.60 -5.11 16.20
N THR A 18 10.08 -6.33 16.44
CA THR A 18 11.46 -6.53 16.87
C THR A 18 12.25 -7.25 15.80
N LEU A 19 13.45 -6.73 15.54
CA LEU A 19 14.37 -7.33 14.58
C LEU A 19 15.63 -7.76 15.31
N LEU A 20 15.99 -9.02 15.11
CA LEU A 20 17.18 -9.59 15.70
C LEU A 20 18.04 -10.15 14.58
N LEU A 21 19.29 -9.70 14.47
CA LEU A 21 20.23 -10.21 13.46
C LEU A 21 21.25 -11.14 14.06
N PHE A 22 21.64 -12.16 13.28
CA PHE A 22 22.57 -13.21 13.71
C PHE A 22 23.53 -13.57 12.60
N LYS A 23 24.80 -13.67 12.93
CA LYS A 23 25.83 -14.09 11.98
C LYS A 23 26.47 -15.38 12.51
N ASP A 24 27.05 -16.15 11.60
CA ASP A 24 27.74 -17.42 11.94
C ASP A 24 26.79 -18.46 12.54
N VAL A 25 25.61 -18.60 11.94
CA VAL A 25 24.57 -19.55 12.38
C VAL A 25 24.83 -20.94 11.78
N LYS A 26 24.86 -21.92 12.65
CA LYS A 26 25.19 -23.30 12.29
C LYS A 26 23.97 -24.14 11.95
N ASN A 27 22.84 -23.84 12.61
CA ASN A 27 21.68 -24.72 12.63
C ASN A 27 20.50 -24.10 11.90
N ALA A 28 20.80 -23.45 10.77
CA ALA A 28 19.76 -22.81 9.99
C ALA A 28 18.76 -23.87 9.56
N GLY A 29 19.26 -25.03 9.13
CA GLY A 29 18.41 -26.15 8.72
C GLY A 29 17.37 -26.53 9.76
N ASP A 30 17.79 -26.52 11.03
CA ASP A 30 16.88 -26.86 12.10
C ASP A 30 15.91 -25.77 12.50
N LEU A 31 16.39 -24.53 12.49
CA LEU A 31 15.55 -23.38 12.78
C LEU A 31 14.42 -23.24 11.76
N ARG A 32 14.69 -23.67 10.53
CA ARG A 32 13.67 -23.69 9.47
C ARG A 32 12.59 -24.77 9.70
N ARG A 33 13.02 -25.98 10.08
CA ARG A 33 12.13 -27.09 10.43
C ARG A 33 11.23 -26.68 11.58
N LYS A 34 11.83 -26.05 12.59
CA LYS A 34 11.10 -25.64 13.79
C LYS A 34 10.10 -24.51 13.56
N ALA A 35 10.41 -23.62 12.60
CA ALA A 35 9.60 -22.45 12.23
C ALA A 35 8.15 -22.79 11.86
N GLU A 37 6.22 -26.40 12.26
CA GLU A 37 6.17 -26.87 13.68
C GLU A 37 5.70 -25.78 14.63
N GLY A 38 6.21 -24.56 14.45
CA GLY A 38 5.87 -23.46 15.31
C GLY A 38 6.51 -23.50 16.70
N THR A 39 7.68 -24.14 16.86
CA THR A 39 8.37 -24.10 18.15
C THR A 39 9.40 -22.96 18.24
N ILE A 40 9.28 -21.99 17.34
CA ILE A 40 10.07 -20.77 17.38
C ILE A 40 9.19 -19.62 16.87
N ASP A 41 9.21 -18.50 17.58
CA ASP A 41 8.43 -17.31 17.19
C ASP A 41 9.12 -16.57 16.07
N GLY A 42 8.34 -15.86 15.26
CA GLY A 42 8.91 -14.93 14.31
C GLY A 42 9.05 -15.42 12.88
N SER A 43 9.37 -14.48 11.99
CA SER A 43 9.61 -14.77 10.60
C SER A 43 11.10 -14.87 10.51
N LEU A 44 11.57 -15.98 9.93
CA LEU A 44 12.98 -16.18 9.79
C LEU A 44 13.25 -15.75 8.38
N ILE A 45 14.15 -14.76 8.24
CA ILE A 45 14.34 -14.05 6.99
C ILE A 45 15.79 -13.97 6.54
N ASN A 46 15.97 -14.18 5.24
CA ASN A 46 17.21 -14.02 4.53
C ASN A 46 17.73 -12.56 4.58
N PRO A 47 18.86 -12.31 5.31
CA PRO A 47 19.35 -10.95 5.50
C PRO A 47 20.14 -10.38 4.32
N THR A 48 20.48 -11.24 3.36
CA THR A 48 21.31 -10.83 2.23
C THR A 48 20.50 -9.97 1.25
N VAL A 49 19.16 -10.03 1.36
CA VAL A 49 18.27 -9.24 0.49
C VAL A 49 17.48 -8.17 1.23
N ILE A 50 17.98 -7.72 2.37
CA ILE A 50 17.38 -6.58 3.08
C ILE A 50 18.33 -5.39 3.09
N VAL A 51 17.98 -4.33 2.37
CA VAL A 51 18.88 -3.18 2.28
C VAL A 51 18.66 -2.21 3.44
N ASP A 52 17.54 -2.33 4.14
CA ASP A 52 17.18 -1.44 5.25
C ASP A 52 16.00 -2.03 6.05
N PRO A 53 16.06 -1.90 7.39
CA PRO A 53 14.94 -2.29 8.26
C PRO A 53 13.59 -1.78 7.78
N PHE A 54 13.57 -0.56 7.20
CA PHE A 54 12.30 0.06 6.75
C PHE A 54 11.50 -0.88 5.86
N GLN A 55 12.23 -1.70 5.12
CA GLN A 55 11.68 -2.69 4.24
C GLN A 55 10.87 -3.66 5.04
N ILE A 56 11.40 -4.08 6.18
CA ILE A 56 10.72 -4.99 7.08
C ILE A 56 9.48 -4.30 7.64
N LEU A 57 9.63 -3.07 8.11
CA LEU A 57 8.51 -2.32 8.68
C LEU A 57 7.31 -2.26 7.73
N VAL A 58 7.53 -1.85 6.48
CA VAL A 58 6.45 -1.84 5.49
C VAL A 58 5.75 -3.19 5.38
N ALA A 59 6.55 -4.26 5.35
CA ALA A 59 6.01 -5.62 5.20
C ALA A 59 5.20 -6.04 6.44
N ALA A 60 5.65 -5.59 7.62
CA ALA A 60 5.00 -5.94 8.88
C ALA A 60 3.71 -5.15 9.03
N ASN A 61 3.77 -3.85 8.77
CA ASN A 61 2.55 -3.07 8.75
C ASN A 61 1.55 -3.74 7.82
N LYS A 62 1.97 -4.01 6.61
CA LYS A 62 1.02 -4.42 5.64
C LYS A 62 0.34 -5.72 6.13
N ALA A 63 1.10 -6.62 6.74
CA ALA A 63 0.62 -7.91 7.21
C ALA A 63 -0.33 -7.79 8.36
N VAL A 64 0.01 -6.93 9.32
CA VAL A 64 -0.83 -6.80 10.50
C VAL A 64 -2.20 -6.21 10.10
N HIS A 65 -2.20 -5.21 9.21
CA HIS A 65 -3.43 -4.61 8.68
C HIS A 65 -4.38 -5.59 8.00
N LEU A 66 -3.86 -6.73 7.52
CA LEU A 66 -4.70 -7.81 6.97
C LEU A 66 -5.05 -8.85 8.05
N TYR A 67 -4.09 -9.11 8.92
CA TYR A 67 -4.30 -10.04 10.02
C TYR A 67 -5.50 -9.62 10.87
N LYS A 68 -5.65 -8.33 11.13
CA LYS A 68 -6.70 -7.81 12.01
C LYS A 68 -8.08 -7.92 11.39
N LEU A 69 -8.13 -8.36 10.13
CA LEU A 69 -9.40 -8.60 9.45
C LEU A 69 -9.56 -10.05 9.02
N GLY A 70 -8.51 -10.83 9.20
CA GLY A 70 -8.50 -12.20 8.69
C GLY A 70 -8.51 -12.25 7.16
N LYS A 71 -7.87 -11.28 6.52
CA LYS A 71 -7.77 -11.24 5.09
C LYS A 71 -6.35 -11.58 4.66
N LYS A 73 -2.77 -13.10 2.89
CA LYS A 73 -2.81 -14.14 1.80
C LYS A 73 -2.28 -15.49 2.24
N THR A 74 -1.56 -15.53 3.36
CA THR A 74 -0.88 -16.74 3.79
C THR A 74 -1.41 -17.28 5.11
N ARG A 75 -0.97 -18.49 5.44
CA ARG A 75 -1.45 -19.26 6.55
C ARG A 75 -1.32 -18.53 7.90
N THR A 76 -0.31 -17.67 8.02
CA THR A 76 0.09 -17.11 9.31
C THR A 76 0.86 -15.78 9.22
N LEU A 77 0.82 -15.02 10.30
CA LEU A 77 1.52 -13.75 10.40
C LEU A 77 3.01 -13.79 10.11
N SER A 78 3.69 -14.87 10.49
CA SER A 78 5.11 -14.93 10.25
C SER A 78 5.39 -15.13 8.76
N THR A 79 4.55 -15.94 8.14
CA THR A 79 4.67 -16.19 6.73
C THR A 79 4.27 -14.94 5.96
N GLU A 80 3.36 -14.13 6.52
CA GLU A 80 2.77 -13.03 5.77
C GLU A 80 3.79 -11.96 5.54
N ILE A 81 4.58 -11.74 6.59
CA ILE A 81 5.64 -10.75 6.60
C ILE A 81 6.68 -11.11 5.55
N ILE A 82 7.11 -12.38 5.55
CA ILE A 82 8.10 -12.83 4.55
C ILE A 82 7.50 -12.64 3.15
N PHE A 83 6.25 -13.04 2.98
CA PHE A 83 5.57 -12.90 1.69
C PHE A 83 5.53 -11.46 1.22
N ASN A 84 5.29 -10.53 2.14
CA ASN A 84 5.24 -9.11 1.78
C ASN A 84 6.54 -8.50 1.26
N LEU A 85 7.67 -9.18 1.51
CA LEU A 85 8.96 -8.67 1.06
C LEU A 85 9.12 -8.89 -0.44
N SER A 86 8.56 -10.00 -0.93
CA SER A 86 8.64 -10.35 -2.36
C SER A 86 7.75 -9.51 -3.24
N PRO A 87 8.24 -9.12 -4.42
CA PRO A 87 7.45 -8.40 -5.42
C PRO A 87 6.49 -9.33 -6.18
N ASN A 88 6.69 -10.63 -6.10
CA ASN A 88 5.86 -11.55 -6.85
C ASN A 88 4.74 -12.16 -6.01
N ASN A 89 3.74 -12.73 -6.69
CA ASN A 89 2.55 -13.27 -6.06
C ASN A 89 2.70 -14.66 -5.53
N ASN A 90 3.55 -15.44 -6.17
CA ASN A 90 3.68 -16.84 -5.81
C ASN A 90 4.19 -16.91 -4.40
N ILE A 91 3.38 -17.51 -3.53
CA ILE A 91 3.73 -17.65 -2.14
C ILE A 91 5.02 -18.46 -1.96
N SER A 92 5.02 -19.68 -2.48
CA SER A 92 6.11 -20.62 -2.21
C SER A 92 7.45 -20.11 -2.74
N GLU A 93 7.42 -19.34 -3.82
CA GLU A 93 8.61 -18.75 -4.40
C GLU A 93 9.14 -17.60 -3.52
N ALA A 94 8.24 -16.84 -2.93
CA ALA A 94 8.61 -15.74 -2.05
C ALA A 94 9.26 -16.22 -0.75
N LEU A 95 8.73 -17.29 -0.15
CA LEU A 95 9.37 -17.85 1.06
C LEU A 95 10.74 -18.45 0.74
N LYS A 96 10.86 -19.06 -0.42
CA LYS A 96 12.12 -19.63 -0.87
C LYS A 96 13.23 -18.56 -1.00
N LYS A 97 12.95 -17.43 -1.64
CA LYS A 97 13.96 -16.37 -1.76
C LYS A 97 14.16 -15.56 -0.46
N PHE A 98 13.08 -15.32 0.28
CA PHE A 98 13.15 -14.39 1.40
C PHE A 98 13.23 -15.06 2.76
N GLY A 99 12.81 -16.32 2.85
CA GLY A 99 12.90 -17.07 4.10
C GLY A 99 14.26 -17.71 4.17
N ILE A 100 14.54 -18.42 5.26
CA ILE A 100 15.86 -19.04 5.41
C ILE A 100 15.91 -20.43 4.75
N SER A 101 17.12 -20.87 4.38
CA SER A 101 17.34 -22.22 3.84
C SER A 101 18.44 -22.95 4.63
N ALA A 102 18.50 -24.28 4.50
CA ALA A 102 19.35 -25.13 5.38
C ALA A 102 20.82 -24.71 5.46
N ASN A 103 21.34 -24.12 4.39
CA ASN A 103 22.76 -23.76 4.29
C ASN A 103 23.07 -22.27 4.43
N ASP A 104 22.21 -21.53 5.14
CA ASP A 104 22.45 -20.13 5.46
C ASP A 104 23.30 -19.98 6.72
N THR A 105 24.15 -18.97 6.76
CA THR A 105 24.97 -18.70 7.94
C THR A 105 24.65 -17.34 8.56
N SER A 106 23.71 -16.62 7.95
CA SER A 106 23.14 -15.41 8.53
C SER A 106 21.61 -15.44 8.56
N ILE A 107 21.04 -15.02 9.69
CA ILE A 107 19.60 -15.06 9.89
C ILE A 107 19.12 -13.79 10.57
N LEU A 108 18.00 -13.29 10.07
CA LEU A 108 17.29 -12.19 10.66
C LEU A 108 15.94 -12.73 11.18
N ILE A 109 15.71 -12.62 12.49
CA ILE A 109 14.39 -12.93 13.06
C ILE A 109 13.55 -11.67 13.24
N VAL A 110 12.32 -11.72 12.74
CA VAL A 110 11.34 -10.62 12.94
C VAL A 110 10.09 -11.09 13.70
N TYR A 111 9.70 -10.37 14.75
CA TYR A 111 8.49 -10.73 15.50
C TYR A 111 7.67 -9.55 16.04
N ILE A 112 6.35 -9.77 16.15
CA ILE A 112 5.42 -8.77 16.72
C ILE A 112 4.85 -9.11 18.12
N GLU A 113 4.72 -8.09 18.96
CA GLU A 113 4.02 -8.19 20.24
C GLU A 113 2.91 -7.12 20.36
N GLU A 114 1.93 -7.31 21.25
CA GLU A 114 0.90 -6.29 21.49
C GLU A 114 0.81 -5.85 22.95
N GLN A 118 3.53 -11.21 24.46
CA GLN A 118 4.79 -10.53 24.77
C GLN A 118 5.97 -11.52 24.84
N ILE A 119 6.59 -11.69 23.67
CA ILE A 119 7.63 -12.69 23.37
C ILE A 119 9.00 -12.43 24.03
N ASN A 120 9.48 -13.39 24.81
CA ASN A 120 10.90 -13.45 25.19
C ASN A 120 11.50 -14.67 24.51
N GLN A 121 12.73 -14.64 23.97
CA GLN A 121 13.63 -13.50 23.65
C GLN A 121 15.07 -13.96 23.91
N GLU A 122 15.49 -14.03 25.19
CA GLU A 122 16.83 -14.54 25.52
C GLU A 122 16.83 -16.09 25.49
N TYR A 123 15.62 -16.64 25.43
CA TYR A 123 15.35 -18.03 25.05
C TYR A 123 15.41 -18.18 23.52
N LEU A 124 14.72 -17.26 22.82
CA LEU A 124 14.77 -17.13 21.35
C LEU A 124 16.21 -17.02 20.90
N ILE A 125 17.02 -16.29 21.65
CA ILE A 125 18.43 -16.12 21.32
C ILE A 125 19.15 -17.45 21.43
N SER A 126 18.83 -18.20 22.49
CA SER A 126 19.38 -19.52 22.73
C SER A 126 18.79 -20.57 21.79
N GLN A 127 17.81 -20.21 20.95
CA GLN A 127 17.40 -21.10 19.88
C GLN A 127 18.48 -21.14 18.81
N VAL A 128 19.07 -19.98 18.54
CA VAL A 128 20.02 -19.84 17.44
C VAL A 128 21.44 -20.25 17.87
N GLU A 129 21.99 -21.28 17.18
CA GLU A 129 23.35 -21.86 17.66
C GLU A 129 24.44 -20.94 16.92
N GLY A 130 24.47 -19.50 17.16
CA GLY A 130 25.34 -18.44 16.49
C GLY A 130 25.44 -17.17 17.36
N HIS A 131 26.15 -16.25 16.87
CA HIS A 131 26.47 -14.82 17.67
C HIS A 131 25.44 -13.75 17.24
N GLN A 132 24.87 -13.03 18.23
CA GLN A 132 23.98 -11.88 18.00
C GLN A 132 24.77 -10.56 17.81
N VAL A 133 24.71 -10.07 16.58
CA VAL A 133 25.38 -8.84 16.20
C VAL A 133 24.32 -7.77 16.01
N SER A 134 24.76 -6.51 15.96
CA SER A 134 23.85 -5.39 15.80
C SER A 134 23.30 -5.28 14.38
N LEU A 135 22.16 -4.61 14.24
CA LEU A 135 21.57 -4.38 12.92
C LEU A 135 22.34 -3.44 12.02
N LYS A 136 23.16 -2.56 12.60
CA LYS A 136 23.99 -1.64 11.81
C LYS A 136 24.84 -2.49 10.85
N ASN A 137 24.83 -3.80 11.10
CA ASN A 137 25.73 -4.78 10.46
C ASN A 137 25.14 -5.36 9.19
N LEU A 138 23.89 -4.99 8.93
CA LEU A 138 23.12 -5.49 7.80
C LEU A 138 23.69 -5.10 6.43
N PRO A 139 24.10 -3.82 6.26
CA PRO A 139 24.75 -3.50 4.99
C PRO A 139 25.91 -4.43 4.56
N GLU A 140 26.60 -5.10 5.51
CA GLU A 140 27.79 -5.89 5.10
C GLU A 140 27.57 -7.36 4.74
N ILE A 141 26.37 -7.85 5.03
CA ILE A 141 25.94 -9.14 4.49
C ILE A 141 25.04 -8.98 3.28
N ASN A 143 23.89 -8.93 -0.16
CA ASN A 143 24.16 -9.23 -1.59
C ASN A 143 23.47 -8.26 -2.56
N ILE A 144 24.21 -7.23 -2.97
CA ILE A 144 23.63 -6.16 -3.78
C ILE A 144 23.18 -6.60 -5.19
N THR A 145 23.93 -7.50 -5.84
CA THR A 145 23.52 -7.98 -7.16
C THR A 145 22.32 -8.93 -7.07
N GLU A 146 22.17 -9.62 -5.94
CA GLU A 146 20.94 -10.39 -5.68
C GLU A 146 19.73 -9.49 -5.51
N VAL A 147 19.89 -8.42 -4.73
CA VAL A 147 18.78 -7.49 -4.51
C VAL A 147 18.26 -6.97 -5.85
N LYS A 148 19.18 -6.55 -6.72
CA LYS A 148 18.84 -6.06 -8.03
C LYS A 148 18.08 -7.07 -8.92
N LYS A 149 18.41 -8.36 -8.79
CA LYS A 149 17.77 -9.39 -9.64
C LYS A 149 16.34 -9.67 -9.19
N ILE A 150 16.13 -9.69 -7.87
CA ILE A 150 14.81 -10.03 -7.31
C ILE A 150 13.82 -8.88 -7.43
N TYR A 151 14.31 -7.65 -7.29
CA TYR A 151 13.44 -6.47 -7.33
C TYR A 151 13.47 -5.85 -8.73
N LYS A 152 14.33 -6.37 -9.59
CA LYS A 152 14.43 -5.90 -10.94
C LYS A 152 14.65 -4.41 -10.97
N LEU A 153 15.87 -4.00 -10.62
CA LEU A 153 16.24 -2.60 -10.59
C LEU A 153 17.26 -2.33 -11.69
N SER A 154 17.44 -1.04 -12.03
CA SER A 154 18.40 -0.67 -13.01
C SER A 154 19.77 -1.15 -12.56
N SER A 155 20.54 -1.63 -13.52
CA SER A 155 21.86 -2.08 -13.21
C SER A 155 22.67 -0.91 -12.59
N GLN A 156 22.68 0.29 -13.44
CA GLN A 156 23.53 1.52 -13.14
C GLN A 156 23.35 1.86 -11.62
N GLU A 157 24.52 2.04 -10.95
CA GLU A 157 24.65 2.08 -9.47
C GLU A 157 23.94 3.30 -8.81
N GLU A 158 22.95 3.01 -7.88
CA GLU A 158 22.37 4.23 -7.26
C GLU A 158 22.50 4.08 -5.67
N SER A 159 21.98 5.12 -5.01
CA SER A 159 22.11 5.20 -3.51
C SER A 159 21.27 4.17 -2.83
N ILE A 160 21.71 3.69 -1.67
CA ILE A 160 20.88 2.80 -0.89
C ILE A 160 19.52 3.49 -0.79
N GLY A 161 19.54 4.79 -0.47
CA GLY A 161 18.32 5.58 -0.39
C GLY A 161 17.47 5.42 -1.63
N THR A 162 18.08 5.62 -2.80
CA THR A 162 17.38 5.49 -4.07
C THR A 162 16.90 4.05 -4.31
N LEU A 163 17.82 3.08 -4.09
CA LEU A 163 17.45 1.66 -4.22
C LEU A 163 16.33 1.23 -3.29
N LEU A 164 16.40 1.66 -2.05
CA LEU A 164 15.29 1.45 -1.10
C LEU A 164 13.93 1.94 -1.64
N ASP A 165 13.86 3.19 -2.10
CA ASP A 165 12.61 3.70 -2.68
C ASP A 165 12.07 2.79 -3.77
N ALA A 166 12.93 2.42 -4.72
CA ALA A 166 12.54 1.51 -5.79
C ALA A 166 12.07 0.18 -5.20
N ILE A 167 12.64 -0.22 -4.09
CA ILE A 167 12.27 -1.49 -3.46
C ILE A 167 10.91 -1.31 -2.81
N ILE A 168 10.70 -0.17 -2.16
CA ILE A 168 9.39 0.11 -1.53
C ILE A 168 8.29 0.18 -2.59
N CYS A 169 8.62 0.69 -3.78
CA CYS A 169 7.66 0.70 -4.89
C CYS A 169 7.37 -0.68 -5.40
N ARG A 170 8.39 -1.48 -5.65
CA ARG A 170 8.14 -2.89 -5.98
C ARG A 170 7.20 -3.55 -4.98
N SER A 172 5.01 -2.18 -2.98
CA SER A 172 3.84 -1.31 -2.97
C SER A 172 2.97 -1.52 -4.18
N THR A 173 3.53 -1.97 -5.30
CA THR A 173 2.69 -2.26 -6.44
C THR A 173 2.16 -3.70 -6.51
N LYS A 174 2.60 -4.54 -5.59
CA LYS A 174 2.13 -5.91 -5.52
C LYS A 174 0.66 -5.96 -5.05
N ASP A 175 -0.19 -6.67 -5.80
CA ASP A 175 -1.58 -7.00 -5.40
C ASP A 175 -2.39 -5.88 -4.77
N VAL A 176 -3.02 -5.07 -5.61
CA VAL A 176 -3.25 -3.72 -5.21
C VAL A 176 -4.67 -3.08 -5.10
N LEU A 177 -5.80 -3.59 -5.63
CA LEU A 177 -6.23 -4.93 -6.06
C LEU A 177 -5.35 -5.88 -6.87
N GLN B 4 -22.22 4.41 -16.07
CA GLN B 4 -21.52 4.24 -14.77
C GLN B 4 -20.46 3.15 -14.87
N LEU B 5 -19.47 3.26 -13.99
CA LEU B 5 -18.53 2.20 -13.78
C LEU B 5 -18.71 1.70 -12.34
N THR B 6 -18.88 0.39 -12.25
CA THR B 6 -19.16 -0.30 -11.02
C THR B 6 -18.12 -1.40 -10.81
N HIS B 7 -17.63 -1.51 -9.57
CA HIS B 7 -16.56 -2.44 -9.22
C HIS B 7 -16.74 -3.04 -7.81
N GLN B 8 -16.78 -4.36 -7.76
CA GLN B 8 -16.86 -5.11 -6.54
C GLN B 8 -15.46 -5.26 -6.00
N LEU B 9 -15.21 -4.73 -4.81
CA LEU B 9 -13.92 -4.86 -4.21
C LEU B 9 -13.59 -6.33 -3.95
N ASP B 10 -12.48 -6.82 -4.50
CA ASP B 10 -12.13 -8.24 -4.27
C ASP B 10 -11.74 -8.56 -2.81
N LEU B 11 -11.13 -7.62 -2.14
CA LEU B 11 -10.77 -7.74 -0.73
C LEU B 11 -12.00 -7.63 0.23
N PHE B 12 -12.97 -6.79 -0.16
CA PHE B 12 -14.19 -6.55 0.63
C PHE B 12 -15.39 -6.76 -0.28
N PRO B 13 -15.74 -8.03 -0.52
CA PRO B 13 -16.75 -8.43 -1.51
C PRO B 13 -18.07 -7.74 -1.27
N GLU B 14 -18.38 -7.42 -0.01
CA GLU B 14 -19.67 -6.81 0.23
C GLU B 14 -19.74 -5.33 -0.14
N CYS B 15 -18.58 -4.78 -0.56
CA CYS B 15 -18.43 -3.38 -0.98
C CYS B 15 -18.36 -3.23 -2.49
N ARG B 16 -19.19 -2.32 -3.00
CA ARG B 16 -19.15 -2.03 -4.41
C ARG B 16 -18.95 -0.53 -4.58
N VAL B 17 -18.02 -0.21 -5.44
CA VAL B 17 -17.72 1.19 -5.72
C VAL B 17 -18.18 1.62 -7.12
N THR B 18 -18.80 2.82 -7.15
CA THR B 18 -19.38 3.39 -8.36
C THR B 18 -18.74 4.74 -8.68
N LEU B 19 -18.43 4.92 -9.96
CA LEU B 19 -17.86 6.15 -10.50
C LEU B 19 -18.84 6.68 -11.52
N LEU B 20 -19.08 7.98 -11.46
CA LEU B 20 -19.93 8.67 -12.40
C LEU B 20 -19.16 9.88 -12.87
N LEU B 21 -19.22 10.16 -14.17
CA LEU B 21 -18.49 11.27 -14.78
C LEU B 21 -19.47 12.21 -15.42
N PHE B 22 -19.24 13.51 -15.23
CA PHE B 22 -20.11 14.54 -15.80
C PHE B 22 -19.31 15.58 -16.55
N LYS B 23 -19.82 16.00 -17.70
CA LYS B 23 -19.17 17.05 -18.49
C LYS B 23 -20.09 18.25 -18.63
N ASP B 24 -19.48 19.38 -19.02
CA ASP B 24 -20.19 20.64 -19.16
C ASP B 24 -20.87 21.04 -17.85
N VAL B 25 -20.15 21.05 -16.74
CA VAL B 25 -20.82 21.30 -15.45
C VAL B 25 -20.99 22.79 -15.07
N LYS B 26 -22.25 23.26 -15.11
CA LYS B 26 -22.58 24.66 -14.87
C LYS B 26 -22.70 25.04 -13.39
N ASN B 27 -22.77 24.06 -12.48
CA ASN B 27 -22.96 24.35 -11.03
C ASN B 27 -21.91 23.75 -10.05
N ALA B 28 -20.65 23.68 -10.48
CA ALA B 28 -19.58 23.18 -9.59
C ALA B 28 -19.51 23.94 -8.25
N GLY B 29 -19.77 25.25 -8.29
CA GLY B 29 -19.78 26.16 -7.09
C GLY B 29 -20.66 25.67 -5.92
N ASP B 30 -21.93 25.42 -6.26
CA ASP B 30 -22.91 24.75 -5.35
C ASP B 30 -22.55 23.27 -4.97
N LEU B 31 -22.10 22.46 -5.93
CA LEU B 31 -21.80 21.04 -5.60
C LEU B 31 -20.74 20.98 -4.49
N ARG B 32 -19.78 21.89 -4.59
CA ARG B 32 -18.68 21.98 -3.67
C ARG B 32 -19.13 22.35 -2.25
N ARG B 33 -20.13 23.24 -2.19
CA ARG B 33 -20.77 23.64 -0.93
C ARG B 33 -21.57 22.47 -0.34
N LYS B 34 -22.30 21.76 -1.20
CA LYS B 34 -23.06 20.60 -0.76
C LYS B 34 -22.13 19.54 -0.19
N ALA B 35 -20.95 19.38 -0.81
CA ALA B 35 -19.92 18.46 -0.35
C ALA B 35 -19.27 18.90 0.95
N GLU B 37 -21.17 21.12 3.33
CA GLU B 37 -22.22 20.92 4.37
C GLU B 37 -22.87 19.54 4.27
N GLY B 38 -22.29 18.64 3.47
CA GLY B 38 -22.75 17.25 3.38
C GLY B 38 -24.19 17.00 2.91
N THR B 39 -24.76 17.92 2.12
CA THR B 39 -26.04 17.64 1.45
C THR B 39 -25.87 16.86 0.13
N ILE B 40 -24.79 16.08 0.00
CA ILE B 40 -24.53 15.31 -1.22
C ILE B 40 -23.74 14.03 -0.94
N ASP B 41 -24.16 12.92 -1.56
CA ASP B 41 -23.49 11.65 -1.38
C ASP B 41 -22.25 11.59 -2.25
N GLY B 42 -21.28 10.75 -1.86
CA GLY B 42 -20.08 10.51 -2.67
C GLY B 42 -18.92 11.48 -2.48
N SER B 43 -17.81 11.24 -3.17
CA SER B 43 -16.62 12.07 -3.09
C SER B 43 -16.53 12.77 -4.42
N LEU B 44 -16.36 14.09 -4.38
CA LEU B 44 -16.29 14.89 -5.59
C LEU B 44 -14.83 15.09 -5.95
N ILE B 45 -14.44 14.52 -7.07
CA ILE B 45 -13.05 14.39 -7.39
C ILE B 45 -12.73 15.09 -8.70
N ASN B 46 -11.67 15.88 -8.69
CA ASN B 46 -11.22 16.57 -9.89
C ASN B 46 -10.70 15.55 -10.90
N PRO B 47 -11.44 15.33 -12.00
CA PRO B 47 -11.14 14.31 -13.04
C PRO B 47 -9.98 14.67 -13.96
N THR B 48 -9.48 15.89 -13.83
CA THR B 48 -8.35 16.40 -14.60
C THR B 48 -7.06 15.63 -14.28
N VAL B 49 -6.98 15.15 -13.03
CA VAL B 49 -5.76 14.55 -12.49
C VAL B 49 -5.87 13.04 -12.21
N ILE B 50 -6.88 12.41 -12.82
CA ILE B 50 -7.13 10.98 -12.69
C ILE B 50 -6.86 10.28 -14.02
N VAL B 51 -5.72 9.61 -14.09
CA VAL B 51 -5.25 8.93 -15.30
C VAL B 51 -6.15 7.76 -15.76
N ASP B 52 -6.78 7.06 -14.82
CA ASP B 52 -7.59 5.90 -15.14
C ASP B 52 -8.44 5.56 -13.92
N PRO B 53 -9.68 5.09 -14.13
CA PRO B 53 -10.50 4.75 -12.97
C PRO B 53 -9.76 3.84 -12.01
N PHE B 54 -8.88 3.01 -12.57
CA PHE B 54 -8.06 2.14 -11.73
C PHE B 54 -7.42 2.86 -10.52
N GLN B 55 -6.92 4.08 -10.73
CA GLN B 55 -6.32 4.91 -9.69
C GLN B 55 -7.31 5.23 -8.56
N ILE B 56 -8.57 5.49 -8.93
CA ILE B 56 -9.63 5.68 -7.95
C ILE B 56 -9.96 4.40 -7.15
N LEU B 57 -9.95 3.24 -7.82
CA LEU B 57 -10.26 1.97 -7.17
C LEU B 57 -9.22 1.60 -6.11
N VAL B 58 -7.95 1.83 -6.36
CA VAL B 58 -6.94 1.63 -5.33
C VAL B 58 -7.20 2.54 -4.13
N ALA B 59 -7.41 3.83 -4.38
CA ALA B 59 -7.69 4.83 -3.34
C ALA B 59 -8.89 4.37 -2.48
N ALA B 60 -9.96 3.89 -3.13
CA ALA B 60 -11.19 3.47 -2.46
C ALA B 60 -10.96 2.16 -1.68
N ASN B 61 -10.18 1.27 -2.27
CA ASN B 61 -9.83 0.03 -1.60
C ASN B 61 -9.14 0.30 -0.26
N LYS B 62 -8.14 1.20 -0.26
CA LYS B 62 -7.40 1.58 0.95
C LYS B 62 -8.32 2.31 1.93
N ALA B 63 -9.22 3.12 1.38
CA ALA B 63 -10.18 3.86 2.20
C ALA B 63 -11.03 2.90 2.99
N VAL B 64 -11.67 1.97 2.28
CA VAL B 64 -12.51 0.96 2.92
C VAL B 64 -11.72 0.19 3.97
N HIS B 65 -10.48 -0.16 3.63
CA HIS B 65 -9.62 -0.92 4.53
C HIS B 65 -9.40 -0.16 5.84
N LEU B 66 -9.01 1.10 5.78
CA LEU B 66 -8.76 1.78 7.04
C LEU B 66 -10.08 2.01 7.77
N TYR B 67 -11.16 2.09 7.00
CA TYR B 67 -12.49 2.29 7.58
C TYR B 67 -12.87 1.06 8.42
N LYS B 68 -12.69 -0.11 7.82
CA LYS B 68 -12.97 -1.37 8.49
C LYS B 68 -12.01 -1.66 9.65
N LEU B 69 -10.85 -1.02 9.66
CA LEU B 69 -9.93 -1.16 10.78
C LEU B 69 -10.21 -0.13 11.86
N GLY B 70 -10.99 0.90 11.52
CA GLY B 70 -11.22 2.06 12.36
C GLY B 70 -9.95 2.91 12.50
N LYS B 71 -9.18 3.00 11.41
CA LYS B 71 -7.90 3.74 11.43
C LYS B 71 -7.79 4.64 10.21
N LYS B 73 -7.39 8.08 8.00
CA LYS B 73 -6.62 9.25 8.56
C LYS B 73 -7.51 10.52 8.72
N THR B 74 -8.61 10.54 7.96
CA THR B 74 -9.54 11.65 7.91
C THR B 74 -10.82 11.34 8.66
N ARG B 75 -11.72 12.31 8.71
CA ARG B 75 -12.89 12.17 9.53
C ARG B 75 -13.98 11.28 8.91
N THR B 76 -13.99 11.12 7.58
CA THR B 76 -15.00 10.24 6.90
C THR B 76 -14.49 9.46 5.69
N LEU B 77 -15.32 8.52 5.23
CA LEU B 77 -14.98 7.68 4.07
C LEU B 77 -14.77 8.53 2.79
N SER B 78 -15.65 9.51 2.59
CA SER B 78 -15.63 10.39 1.41
C SER B 78 -14.37 11.22 1.31
N THR B 79 -13.91 11.76 2.42
CA THR B 79 -12.68 12.51 2.40
C THR B 79 -11.48 11.55 2.26
N GLU B 80 -11.59 10.40 2.91
CA GLU B 80 -10.51 9.44 2.89
C GLU B 80 -10.18 8.99 1.48
N ILE B 81 -11.21 8.79 0.66
CA ILE B 81 -10.95 8.44 -0.74
C ILE B 81 -10.11 9.52 -1.45
N ILE B 82 -10.49 10.78 -1.26
CA ILE B 82 -9.82 11.89 -1.94
C ILE B 82 -8.35 12.01 -1.48
N PHE B 83 -8.18 11.99 -0.16
CA PHE B 83 -6.87 12.08 0.45
C PHE B 83 -5.92 10.99 -0.06
N ASN B 84 -6.44 9.76 -0.21
CA ASN B 84 -5.61 8.66 -0.69
C ASN B 84 -5.01 8.94 -2.06
N LEU B 85 -5.63 9.86 -2.80
CA LEU B 85 -5.13 10.17 -4.13
C LEU B 85 -3.86 11.01 -4.08
N SER B 86 -3.63 11.68 -2.97
CA SER B 86 -2.58 12.66 -2.86
C SER B 86 -1.20 12.04 -2.67
N PRO B 87 -0.16 12.67 -3.24
CA PRO B 87 1.25 12.38 -2.99
C PRO B 87 1.72 12.58 -1.54
N ASN B 88 0.97 13.31 -0.72
CA ASN B 88 1.52 13.68 0.62
C ASN B 88 0.54 13.75 1.79
N ASN B 89 1.07 14.03 2.98
CA ASN B 89 0.31 13.94 4.22
C ASN B 89 -0.59 15.12 4.60
N ASN B 90 -0.54 16.20 3.82
CA ASN B 90 -1.43 17.34 4.05
C ASN B 90 -2.85 17.06 3.61
N ILE B 91 -3.79 17.13 4.56
CA ILE B 91 -5.17 16.75 4.26
C ILE B 91 -5.85 17.93 3.55
N SER B 92 -5.54 19.12 4.04
CA SER B 92 -6.18 20.38 3.61
C SER B 92 -5.79 20.86 2.15
N GLU B 93 -4.50 20.75 1.87
CA GLU B 93 -3.97 20.61 0.47
C GLU B 93 -4.47 19.38 -0.37
N ALA B 94 -4.60 18.18 0.21
CA ALA B 94 -5.09 17.04 -0.60
C ALA B 94 -6.50 17.30 -1.11
N LEU B 95 -7.35 17.83 -0.23
CA LEU B 95 -8.76 17.99 -0.59
C LEU B 95 -8.89 19.11 -1.61
N LYS B 96 -8.04 20.13 -1.46
CA LYS B 96 -8.06 21.24 -2.41
C LYS B 96 -7.67 20.74 -3.79
N LYS B 97 -6.50 20.13 -3.93
CA LYS B 97 -5.99 19.67 -5.22
C LYS B 97 -6.81 18.54 -5.87
N PHE B 98 -7.23 17.53 -5.12
CA PHE B 98 -7.96 16.40 -5.73
C PHE B 98 -9.47 16.51 -5.58
N GLY B 99 -9.94 17.44 -4.77
CA GLY B 99 -11.39 17.63 -4.73
C GLY B 99 -11.77 18.53 -5.89
N ILE B 100 -13.06 18.81 -6.03
CA ILE B 100 -13.47 19.83 -7.01
C ILE B 100 -13.40 21.26 -6.49
N SER B 101 -13.23 22.17 -7.44
CA SER B 101 -13.21 23.61 -7.15
C SER B 101 -14.37 24.18 -7.94
N ALA B 102 -14.75 25.42 -7.63
CA ALA B 102 -15.92 25.99 -8.31
C ALA B 102 -15.65 26.06 -9.90
N ASN B 103 -14.43 25.96 -10.24
CA ASN B 103 -14.00 26.32 -11.64
C ASN B 103 -13.93 25.13 -12.56
N ASP B 104 -14.17 23.98 -11.98
CA ASP B 104 -14.26 22.76 -12.76
C ASP B 104 -15.55 22.76 -13.58
N THR B 105 -15.49 22.16 -14.76
CA THR B 105 -16.66 22.05 -15.63
C THR B 105 -16.89 20.58 -15.86
N SER B 106 -16.04 19.78 -15.23
CA SER B 106 -16.16 18.34 -15.27
C SER B 106 -15.98 17.85 -13.85
N ILE B 107 -16.80 16.86 -13.50
CA ILE B 107 -16.78 16.26 -12.18
C ILE B 107 -16.87 14.74 -12.26
N LEU B 108 -16.10 14.13 -11.36
CA LEU B 108 -16.14 12.71 -11.15
C LEU B 108 -16.72 12.47 -9.77
N ILE B 109 -17.82 11.73 -9.69
CA ILE B 109 -18.20 11.34 -8.36
C ILE B 109 -17.97 9.84 -8.12
N VAL B 110 -17.49 9.54 -6.91
CA VAL B 110 -17.20 8.19 -6.48
C VAL B 110 -17.95 7.86 -5.20
N TYR B 111 -18.55 6.68 -5.13
CA TYR B 111 -19.22 6.28 -3.89
C TYR B 111 -19.17 4.80 -3.59
N ILE B 112 -19.30 4.48 -2.30
CA ILE B 112 -19.26 3.07 -1.95
C ILE B 112 -20.50 2.57 -1.20
N GLU B 113 -20.94 1.35 -1.50
CA GLU B 113 -22.10 0.75 -0.86
C GLU B 113 -21.78 -0.64 -0.33
N GLU B 114 -22.23 -0.91 0.89
CA GLU B 114 -22.30 -2.26 1.41
C GLU B 114 -23.55 -2.36 2.30
N GLY B 115 -24.13 -3.56 2.38
CA GLY B 115 -25.25 -3.81 3.28
C GLY B 115 -26.51 -3.10 2.85
N GLU B 116 -27.29 -2.60 3.80
CA GLU B 116 -28.54 -1.86 3.53
C GLU B 116 -28.36 -0.47 2.91
N LYS B 117 -27.23 0.18 3.19
CA LYS B 117 -27.02 1.55 2.73
C LYS B 117 -26.82 1.58 1.21
N GLN B 118 -27.87 2.03 0.52
CA GLN B 118 -27.79 2.17 -0.91
C GLN B 118 -27.94 3.63 -1.24
N ILE B 119 -27.10 4.12 -2.13
CA ILE B 119 -27.12 5.48 -2.61
C ILE B 119 -28.26 5.69 -3.63
N ASN B 120 -28.99 6.78 -3.46
CA ASN B 120 -29.97 7.21 -4.44
C ASN B 120 -29.23 7.78 -5.66
N GLN B 121 -28.81 6.92 -6.57
CA GLN B 121 -28.06 7.40 -7.75
C GLN B 121 -28.87 8.36 -8.63
N GLU B 122 -30.12 8.00 -8.86
CA GLU B 122 -31.01 8.78 -9.72
C GLU B 122 -31.02 10.27 -9.20
N TYR B 123 -31.07 10.47 -7.88
CA TYR B 123 -31.05 11.80 -7.25
C TYR B 123 -29.74 12.56 -7.32
N LEU B 124 -28.65 11.81 -7.19
CA LEU B 124 -27.32 12.38 -7.26
C LEU B 124 -27.12 13.00 -8.66
N ILE B 125 -27.36 12.22 -9.70
CA ILE B 125 -27.31 12.68 -11.10
C ILE B 125 -28.07 14.01 -11.32
N SER B 126 -29.27 14.09 -10.74
CA SER B 126 -30.15 15.27 -10.87
C SER B 126 -29.60 16.51 -10.17
N GLN B 127 -28.61 16.31 -9.28
CA GLN B 127 -28.05 17.42 -8.54
C GLN B 127 -26.94 18.12 -9.30
N VAL B 128 -26.50 17.51 -10.40
CA VAL B 128 -25.40 18.05 -11.18
C VAL B 128 -25.98 18.70 -12.41
N GLU B 129 -25.82 20.01 -12.53
CA GLU B 129 -26.31 20.74 -13.69
C GLU B 129 -25.35 20.51 -14.88
N GLY B 130 -25.25 19.26 -15.31
CA GLY B 130 -24.29 18.88 -16.33
C GLY B 130 -24.78 17.66 -17.10
N HIS B 131 -23.85 17.04 -17.83
CA HIS B 131 -24.16 16.03 -18.84
C HIS B 131 -23.33 14.78 -18.49
N GLN B 132 -23.99 13.76 -17.95
CA GLN B 132 -23.32 12.52 -17.61
C GLN B 132 -22.72 11.87 -18.87
N VAL B 133 -21.42 11.55 -18.82
CA VAL B 133 -20.75 10.84 -19.90
C VAL B 133 -20.16 9.51 -19.39
N SER B 134 -20.03 8.56 -20.31
CA SER B 134 -19.40 7.30 -20.01
C SER B 134 -18.02 7.56 -19.45
N LEU B 135 -17.55 6.66 -18.58
CA LEU B 135 -16.18 6.75 -18.09
C LEU B 135 -15.10 6.55 -19.12
N LYS B 136 -15.43 6.01 -20.30
CA LYS B 136 -14.44 5.86 -21.39
C LYS B 136 -13.96 7.21 -21.87
N ASN B 137 -14.66 8.26 -21.43
CA ASN B 137 -14.40 9.63 -21.85
C ASN B 137 -13.30 10.28 -21.05
N LEU B 138 -12.94 9.65 -19.93
CA LEU B 138 -11.95 10.22 -19.05
C LEU B 138 -10.63 10.62 -19.75
N PRO B 139 -10.09 9.80 -20.67
CA PRO B 139 -8.77 10.15 -21.21
C PRO B 139 -8.70 11.53 -21.87
N GLU B 140 -9.82 12.03 -22.37
CA GLU B 140 -9.78 13.34 -23.04
C GLU B 140 -10.09 14.53 -22.12
N ILE B 141 -10.79 14.25 -21.01
CA ILE B 141 -11.07 15.21 -19.95
C ILE B 141 -9.86 15.33 -19.03
N ASN B 143 -5.55 15.34 -17.75
CA ASN B 143 -4.51 16.20 -18.37
C ASN B 143 -3.14 15.73 -17.91
N ILE B 144 -2.38 15.19 -18.85
CA ILE B 144 -1.15 14.43 -18.55
C ILE B 144 -0.02 15.27 -17.92
N THR B 145 0.02 16.57 -18.20
CA THR B 145 1.03 17.46 -17.63
C THR B 145 0.77 17.70 -16.14
N GLU B 146 -0.50 17.91 -15.79
CA GLU B 146 -0.91 18.10 -14.40
C GLU B 146 -0.60 16.87 -13.57
N VAL B 147 -1.06 15.72 -14.06
CA VAL B 147 -0.80 14.44 -13.41
C VAL B 147 0.67 14.34 -13.07
N LYS B 148 1.53 14.58 -14.08
CA LYS B 148 2.99 14.40 -13.95
C LYS B 148 3.59 15.39 -12.97
N LYS B 149 3.11 16.63 -13.04
CA LYS B 149 3.50 17.66 -12.07
C LYS B 149 3.18 17.16 -10.66
N ILE B 150 1.89 16.99 -10.37
CA ILE B 150 1.39 16.60 -9.05
C ILE B 150 2.11 15.43 -8.38
N TYR B 151 2.45 14.40 -9.14
CA TYR B 151 3.04 13.19 -8.57
C TYR B 151 4.56 13.18 -8.72
N LYS B 152 5.13 14.29 -9.19
CA LYS B 152 6.58 14.44 -9.37
C LYS B 152 7.18 13.30 -10.25
N LEU B 153 6.69 13.20 -11.50
CA LEU B 153 6.98 12.10 -12.44
C LEU B 153 7.87 12.45 -13.64
N SER B 154 8.35 11.42 -14.34
CA SER B 154 9.30 11.57 -15.44
C SER B 154 8.59 11.78 -16.75
N SER B 155 9.08 12.78 -17.49
CA SER B 155 8.55 13.15 -18.80
C SER B 155 8.46 11.92 -19.70
N GLN B 156 9.53 11.09 -19.62
CA GLN B 156 9.63 9.84 -20.39
C GLN B 156 8.27 9.17 -20.43
N GLU B 157 7.60 9.29 -21.58
CA GLU B 157 6.25 8.75 -21.78
C GLU B 157 6.17 7.24 -21.43
N GLU B 158 5.03 6.80 -20.91
CA GLU B 158 4.83 5.36 -20.73
C GLU B 158 3.40 4.90 -20.82
N SER B 159 3.22 3.57 -20.82
CA SER B 159 1.89 2.99 -20.89
C SER B 159 1.14 3.44 -19.66
N ILE B 160 -0.19 3.48 -19.76
CA ILE B 160 -1.00 3.77 -18.60
C ILE B 160 -0.62 2.84 -17.43
N GLY B 161 -0.16 1.61 -17.75
CA GLY B 161 0.18 0.60 -16.74
C GLY B 161 1.37 1.00 -15.90
N THR B 162 2.48 1.30 -16.58
CA THR B 162 3.70 1.84 -15.94
C THR B 162 3.41 3.13 -15.17
N LEU B 163 2.71 4.04 -15.83
CA LEU B 163 2.20 5.26 -15.22
C LEU B 163 1.47 4.95 -13.92
N LEU B 164 0.47 4.07 -13.98
CA LEU B 164 -0.36 3.74 -12.82
C LEU B 164 0.47 3.22 -11.63
N ASP B 165 1.49 2.40 -11.89
CA ASP B 165 2.35 1.91 -10.82
C ASP B 165 3.16 3.03 -10.18
N ALA B 166 3.65 3.97 -10.98
CA ALA B 166 4.37 5.11 -10.43
C ALA B 166 3.45 5.96 -9.51
N ILE B 167 2.23 6.24 -9.98
CA ILE B 167 1.25 6.98 -9.20
C ILE B 167 0.80 6.20 -7.95
N ILE B 168 0.43 4.93 -8.15
CA ILE B 168 0.06 4.10 -6.99
C ILE B 168 1.18 4.13 -5.97
N CYS B 169 2.43 4.08 -6.41
CA CYS B 169 3.56 4.11 -5.47
C CYS B 169 3.65 5.41 -4.64
N ARG B 170 3.50 6.55 -5.33
CA ARG B 170 3.45 7.86 -4.68
C ARG B 170 2.24 8.00 -3.75
N SER B 172 1.26 5.40 -1.95
CA SER B 172 1.38 4.50 -0.77
C SER B 172 2.37 5.03 0.23
N THR B 173 3.32 5.81 -0.27
CA THR B 173 4.43 6.25 0.54
C THR B 173 4.23 7.66 1.07
N LYS B 174 3.40 8.43 0.37
CA LYS B 174 3.10 9.81 0.75
C LYS B 174 4.32 10.64 1.21
#